data_6VHO
#
_entry.id   6VHO
#
_cell.length_a   168.580
_cell.length_b   61.150
_cell.length_c   49.411
_cell.angle_alpha   90.000
_cell.angle_beta   93.608
_cell.angle_gamma   90.000
#
_symmetry.space_group_name_H-M   'C 1 2 1'
#
loop_
_entity.id
_entity.type
_entity.pdbx_description
1 polymer 'Glycosyl hydrolase family 16'
2 branched beta-D-glucopyranose-(1-4)-beta-D-glucopyranose-(1-3)-N-acetyl-beta-D-glucopyranosylamine
3 water water
#
_entity_poly.entity_id   1
_entity_poly.type   'polypeptide(L)'
_entity_poly.pdbx_seq_one_letter_code
;MGSSHHHHHHSSGLVPRGSHMSDSVGTEPEENPQDILFKDDFNFFDEKVWTKETHEPGWTNQELQAYDAAHVSVGKDGDK
SVLILTAERKGNKIYSGRINSKGKKSFKYRKIEASIKLPKTNGGLWPAFWMMGDNDKQWPACGEIDIMEMGEQSGMAAGD
SEKQVNTAIHYGPSAAAHEQQYYKANVANSLQDGNYHTYSLDWDENNLTISIDNVKFHTFDISSNTYFHDNFYILFNLAV
GGAFTGITDINKLTGLKDGQKVNMYIDWVKIL
;
_entity_poly.pdbx_strand_id   AAA,BBB
#
# COMPACT_ATOMS: atom_id res chain seq x y z
N ILE A 36 31.49 -13.04 8.06
CA ILE A 36 30.70 -12.94 6.79
C ILE A 36 30.44 -14.36 6.28
N LEU A 37 29.18 -14.74 6.12
CA LEU A 37 28.80 -16.01 5.47
C LEU A 37 29.09 -15.92 3.96
N PHE A 38 28.75 -14.79 3.33
CA PHE A 38 28.82 -14.62 1.86
C PHE A 38 28.97 -13.13 1.51
N LYS A 39 29.79 -12.82 0.49
CA LYS A 39 30.01 -11.44 -0.02
C LYS A 39 30.23 -11.54 -1.53
N ASP A 40 29.46 -10.82 -2.34
CA ASP A 40 29.79 -10.65 -3.79
C ASP A 40 30.23 -9.20 -3.98
N ASP A 41 31.45 -8.98 -4.49
CA ASP A 41 32.01 -7.63 -4.78
C ASP A 41 31.71 -7.24 -6.24
N PHE A 42 31.19 -8.20 -7.02
CA PHE A 42 30.81 -8.04 -8.45
C PHE A 42 32.03 -7.67 -9.31
N ASN A 43 33.19 -8.27 -9.01
CA ASN A 43 34.40 -8.25 -9.88
C ASN A 43 34.12 -9.03 -11.17
N PHE A 44 33.23 -10.01 -11.11
CA PHE A 44 32.67 -10.73 -12.28
C PHE A 44 31.23 -11.15 -11.96
N PHE A 45 30.49 -11.57 -12.99
CA PHE A 45 29.13 -12.17 -12.84
C PHE A 45 29.31 -13.67 -12.57
N ASP A 46 29.04 -14.10 -11.32
CA ASP A 46 29.22 -15.48 -10.86
C ASP A 46 27.91 -16.24 -11.12
N GLU A 47 27.90 -17.07 -12.18
CA GLU A 47 26.74 -17.88 -12.62
C GLU A 47 26.43 -19.01 -11.61
N LYS A 48 27.31 -19.27 -10.65
CA LYS A 48 27.07 -20.26 -9.56
C LYS A 48 26.26 -19.60 -8.44
N VAL A 49 26.14 -18.27 -8.44
CA VAL A 49 25.33 -17.52 -7.45
C VAL A 49 24.08 -16.95 -8.12
N TRP A 50 24.21 -16.39 -9.33
CA TRP A 50 23.20 -15.51 -9.96
C TRP A 50 22.71 -16.08 -11.29
N THR A 51 21.43 -15.84 -11.59
CA THR A 51 20.75 -16.17 -12.86
C THR A 51 20.13 -14.88 -13.42
N LYS A 52 20.44 -14.53 -14.68
CA LYS A 52 19.82 -13.40 -15.40
C LYS A 52 18.48 -13.87 -15.96
N GLU A 53 17.43 -13.07 -15.81
CA GLU A 53 16.03 -13.45 -16.16
C GLU A 53 15.64 -12.83 -17.51
N THR A 54 14.80 -13.56 -18.24
CA THR A 54 14.25 -13.20 -19.56
C THR A 54 12.72 -13.31 -19.46
N HIS A 55 12.00 -12.21 -19.63
CA HIS A 55 10.52 -12.18 -19.67
C HIS A 55 10.08 -11.17 -20.72
N GLU A 56 8.93 -11.45 -21.35
CA GLU A 56 8.16 -10.49 -22.20
C GLU A 56 7.69 -9.31 -21.36
N PRO A 57 7.41 -8.14 -22.00
CA PRO A 57 6.73 -7.05 -21.29
C PRO A 57 5.40 -7.51 -20.70
N GLY A 58 5.00 -6.93 -19.56
CA GLY A 58 3.70 -7.21 -18.93
C GLY A 58 3.66 -8.57 -18.26
N TRP A 59 4.81 -9.24 -18.09
CA TRP A 59 4.87 -10.57 -17.41
C TRP A 59 4.28 -10.47 -16.00
N THR A 60 4.68 -9.46 -15.21
CA THR A 60 4.12 -9.17 -13.86
C THR A 60 3.71 -7.70 -13.76
N ASN A 61 2.63 -7.44 -13.02
CA ASN A 61 2.27 -6.11 -12.47
C ASN A 61 2.12 -5.09 -13.61
N GLN A 62 1.75 -5.54 -14.82
CA GLN A 62 1.54 -4.69 -16.03
C GLN A 62 2.80 -3.88 -16.34
N GLU A 63 3.99 -4.41 -16.01
CA GLU A 63 5.31 -3.78 -16.27
C GLU A 63 5.50 -3.59 -17.78
N LEU A 64 6.18 -2.52 -18.19
CA LEU A 64 6.36 -2.14 -19.62
C LEU A 64 7.61 -2.77 -20.22
N GLN A 65 8.59 -3.14 -19.39
CA GLN A 65 9.92 -3.60 -19.83
C GLN A 65 9.90 -5.11 -20.13
N ALA A 66 10.62 -5.51 -21.16
CA ALA A 66 11.19 -6.86 -21.32
C ALA A 66 12.44 -6.94 -20.46
N TYR A 67 12.65 -8.06 -19.78
CA TYR A 67 13.93 -8.41 -19.10
C TYR A 67 14.73 -9.31 -20.06
N ASP A 68 16.04 -9.09 -20.18
CA ASP A 68 16.95 -9.97 -20.98
C ASP A 68 18.35 -9.89 -20.37
N ALA A 69 19.22 -10.81 -20.79
CA ALA A 69 20.57 -11.03 -20.21
C ALA A 69 21.53 -9.90 -20.64
N ALA A 70 21.25 -9.26 -21.78
CA ALA A 70 22.06 -8.16 -22.34
C ALA A 70 21.93 -6.92 -21.46
N HIS A 71 20.88 -6.81 -20.64
CA HIS A 71 20.61 -5.62 -19.79
C HIS A 71 21.04 -5.87 -18.34
N VAL A 72 21.71 -6.99 -18.10
CA VAL A 72 22.52 -7.25 -16.88
C VAL A 72 23.99 -7.29 -17.32
N SER A 73 24.86 -6.57 -16.62
CA SER A 73 26.32 -6.69 -16.78
C SER A 73 27.01 -6.46 -15.44
N VAL A 74 28.30 -6.81 -15.40
CA VAL A 74 29.28 -6.45 -14.34
C VAL A 74 30.29 -5.51 -15.00
N GLY A 75 30.68 -4.44 -14.31
CA GLY A 75 31.62 -3.43 -14.81
C GLY A 75 32.19 -2.56 -13.71
N LYS A 76 32.47 -1.30 -14.03
CA LYS A 76 33.19 -0.35 -13.14
C LYS A 76 32.41 0.95 -13.05
N ASP A 77 32.21 1.45 -11.83
CA ASP A 77 31.80 2.84 -11.52
C ASP A 77 32.96 3.50 -10.79
N GLY A 78 33.83 4.19 -11.52
CA GLY A 78 35.15 4.65 -11.04
C GLY A 78 35.96 3.47 -10.55
N ASP A 79 36.38 3.49 -9.29
CA ASP A 79 37.15 2.39 -8.64
C ASP A 79 36.24 1.22 -8.27
N LYS A 80 34.91 1.40 -8.22
CA LYS A 80 33.98 0.36 -7.68
C LYS A 80 33.69 -0.70 -8.76
N SER A 81 33.87 -1.98 -8.42
CA SER A 81 33.28 -3.14 -9.13
C SER A 81 31.78 -3.23 -8.79
N VAL A 82 30.93 -3.21 -9.82
CA VAL A 82 29.44 -3.08 -9.71
C VAL A 82 28.72 -4.07 -10.62
N LEU A 83 27.66 -4.70 -10.10
CA LEU A 83 26.59 -5.29 -10.92
C LEU A 83 25.78 -4.12 -11.50
N ILE A 84 25.42 -4.17 -12.78
CA ILE A 84 24.72 -3.04 -13.47
C ILE A 84 23.45 -3.58 -14.10
N LEU A 85 22.31 -3.01 -13.72
CA LEU A 85 21.00 -3.25 -14.36
C LEU A 85 20.67 -2.03 -15.23
N THR A 86 20.61 -2.22 -16.53
CA THR A 86 20.45 -1.12 -17.51
C THR A 86 19.02 -1.17 -18.08
N ALA A 87 18.24 -0.13 -17.86
CA ALA A 87 16.95 0.09 -18.55
C ALA A 87 17.20 0.99 -19.76
N GLU A 88 16.70 0.61 -20.93
CA GLU A 88 16.78 1.48 -22.13
C GLU A 88 15.52 1.31 -22.99
N ARG A 89 15.22 2.37 -23.75
CA ARG A 89 14.03 2.45 -24.64
C ARG A 89 14.47 2.73 -26.08
N LYS A 90 14.10 1.81 -26.98
CA LYS A 90 14.19 1.94 -28.45
C LYS A 90 12.77 2.07 -28.99
N GLY A 91 12.32 3.31 -29.21
CA GLY A 91 10.94 3.61 -29.62
C GLY A 91 9.94 3.22 -28.53
N ASN A 92 9.15 2.17 -28.79
CA ASN A 92 8.13 1.66 -27.83
C ASN A 92 8.63 0.36 -27.16
N LYS A 93 9.81 -0.14 -27.53
CA LYS A 93 10.41 -1.35 -26.92
C LYS A 93 11.24 -0.90 -25.71
N ILE A 94 10.96 -1.44 -24.52
CA ILE A 94 11.72 -1.14 -23.28
C ILE A 94 12.37 -2.43 -22.79
N TYR A 95 13.67 -2.37 -22.49
CA TYR A 95 14.47 -3.50 -21.97
C TYR A 95 15.09 -3.09 -20.63
N SER A 96 15.11 -4.00 -19.66
CA SER A 96 15.87 -3.83 -18.40
C SER A 96 16.40 -5.17 -17.92
N GLY A 97 16.99 -5.18 -16.72
CA GLY A 97 17.70 -6.33 -16.16
C GLY A 97 17.07 -6.79 -14.85
N ARG A 98 17.08 -8.10 -14.61
CA ARG A 98 16.62 -8.69 -13.33
C ARG A 98 17.45 -9.96 -13.05
N ILE A 99 17.99 -10.09 -11.84
CA ILE A 99 18.75 -11.31 -11.44
C ILE A 99 18.18 -11.87 -10.14
N ASN A 100 18.46 -13.14 -9.89
CA ASN A 100 18.04 -13.87 -8.66
C ASN A 100 19.05 -14.98 -8.39
N SER A 101 19.11 -15.45 -7.14
CA SER A 101 20.01 -16.54 -6.68
C SER A 101 19.21 -17.78 -6.27
N LYS A 102 18.03 -18.00 -6.87
CA LYS A 102 17.17 -19.19 -6.61
C LYS A 102 17.96 -20.47 -6.92
N GLY A 103 17.96 -21.42 -5.99
CA GLY A 103 18.64 -22.73 -6.14
C GLY A 103 20.16 -22.63 -6.15
N LYS A 104 20.72 -21.44 -5.89
CA LYS A 104 22.18 -21.18 -5.96
C LYS A 104 22.67 -20.58 -4.64
N LYS A 105 21.98 -19.58 -4.09
CA LYS A 105 22.40 -18.95 -2.82
C LYS A 105 21.15 -18.52 -2.05
N SER A 106 20.93 -19.13 -0.88
CA SER A 106 19.78 -18.87 0.01
C SER A 106 20.23 -18.95 1.47
N PHE A 107 19.46 -18.37 2.38
CA PHE A 107 19.83 -18.27 3.81
C PHE A 107 18.59 -18.01 4.65
N LYS A 108 18.75 -18.13 5.96
CA LYS A 108 17.67 -18.03 6.96
C LYS A 108 18.23 -17.42 8.24
N TYR A 109 17.55 -16.42 8.77
CA TYR A 109 17.89 -15.77 10.06
C TYR A 109 19.31 -15.22 9.99
N ARG A 110 19.68 -14.58 8.89
CA ARG A 110 20.95 -13.83 8.75
C ARG A 110 20.63 -12.40 8.36
N LYS A 111 21.53 -11.48 8.71
CA LYS A 111 21.53 -10.07 8.24
C LYS A 111 22.02 -10.06 6.81
N ILE A 112 21.30 -9.41 5.91
CA ILE A 112 21.77 -9.19 4.51
C ILE A 112 21.81 -7.67 4.25
N GLU A 113 22.91 -7.17 3.70
CA GLU A 113 23.04 -5.75 3.30
C GLU A 113 23.50 -5.65 1.83
N ALA A 114 23.10 -4.58 1.16
CA ALA A 114 23.53 -4.26 -0.21
C ALA A 114 23.79 -2.76 -0.31
N SER A 115 24.80 -2.40 -1.07
CA SER A 115 25.17 -0.99 -1.36
C SER A 115 24.71 -0.70 -2.78
N ILE A 116 23.71 0.16 -2.94
CA ILE A 116 23.00 0.39 -4.23
C ILE A 116 23.00 1.89 -4.54
N LYS A 117 23.32 2.23 -5.78
CA LYS A 117 23.17 3.58 -6.36
C LYS A 117 21.98 3.52 -7.31
N LEU A 118 21.00 4.41 -7.11
CA LEU A 118 19.71 4.38 -7.86
C LEU A 118 19.69 5.52 -8.86
N PRO A 119 19.01 5.33 -10.01
CA PRO A 119 18.69 6.43 -10.90
C PRO A 119 17.52 7.20 -10.28
N LYS A 120 17.29 8.42 -10.76
CA LYS A 120 16.11 9.22 -10.39
C LYS A 120 14.89 8.50 -10.97
N THR A 121 13.95 8.06 -10.13
CA THR A 121 12.85 7.14 -10.52
C THR A 121 11.67 7.92 -11.11
N ASN A 122 11.56 9.22 -10.80
CA ASN A 122 10.40 10.09 -11.14
C ASN A 122 9.93 9.80 -12.57
N GLY A 123 8.65 9.45 -12.76
CA GLY A 123 8.05 9.23 -14.08
C GLY A 123 8.14 7.78 -14.55
N GLY A 124 8.33 6.84 -13.63
CA GLY A 124 7.92 5.43 -13.85
C GLY A 124 8.99 4.38 -13.62
N LEU A 125 10.21 4.75 -13.20
CA LEU A 125 11.25 3.72 -12.90
C LEU A 125 10.88 3.08 -11.56
N TRP A 126 11.20 1.80 -11.35
CA TRP A 126 10.75 0.99 -10.19
C TRP A 126 11.85 0.02 -9.76
N PRO A 127 12.90 0.49 -9.05
CA PRO A 127 13.99 -0.38 -8.59
C PRO A 127 13.55 -1.17 -7.34
N ALA A 128 14.08 -2.37 -7.15
CA ALA A 128 13.76 -3.18 -5.96
C ALA A 128 14.96 -4.06 -5.59
N PHE A 129 15.15 -4.26 -4.28
CA PHE A 129 16.03 -5.25 -3.64
C PHE A 129 15.13 -6.09 -2.73
N TRP A 130 15.04 -7.40 -2.97
CA TRP A 130 14.01 -8.24 -2.32
C TRP A 130 14.39 -9.70 -2.32
N MET A 131 13.51 -10.53 -1.75
CA MET A 131 13.77 -11.94 -1.42
C MET A 131 12.48 -12.75 -1.60
N MET A 132 12.61 -13.99 -2.05
CA MET A 132 11.51 -14.98 -2.06
C MET A 132 12.04 -16.31 -1.52
N GLY A 133 11.15 -17.13 -0.94
CA GLY A 133 11.51 -18.44 -0.37
C GLY A 133 12.16 -19.34 -1.41
N ASP A 134 13.23 -20.00 -1.04
CA ASP A 134 13.98 -20.93 -1.93
C ASP A 134 13.29 -22.30 -1.87
N ASN A 135 12.09 -22.38 -2.44
CA ASN A 135 11.27 -23.61 -2.58
C ASN A 135 10.58 -23.54 -3.96
N ASP A 136 9.74 -24.52 -4.31
CA ASP A 136 9.08 -24.54 -5.63
C ASP A 136 7.59 -24.19 -5.49
N LYS A 137 7.17 -23.69 -4.32
CA LYS A 137 5.79 -23.20 -4.08
C LYS A 137 5.54 -22.00 -5.00
N GLN A 138 4.35 -21.95 -5.61
CA GLN A 138 3.95 -20.83 -6.51
C GLN A 138 3.78 -19.58 -5.64
N TRP A 139 4.19 -18.42 -6.17
CA TRP A 139 3.98 -17.11 -5.49
C TRP A 139 2.49 -16.97 -5.23
N PRO A 140 2.07 -16.47 -4.04
CA PRO A 140 2.97 -16.01 -2.98
C PRO A 140 3.26 -16.99 -1.82
N ALA A 141 3.01 -18.28 -2.00
CA ALA A 141 3.16 -19.31 -0.94
C ALA A 141 4.64 -19.55 -0.65
N CYS A 142 5.54 -19.12 -1.57
CA CYS A 142 7.01 -19.16 -1.37
C CYS A 142 7.42 -18.11 -0.32
N GLY A 143 6.58 -17.09 -0.10
CA GLY A 143 6.94 -15.92 0.72
C GLY A 143 7.74 -14.92 -0.09
N GLU A 144 7.58 -13.63 0.21
CA GLU A 144 8.31 -12.51 -0.44
C GLU A 144 8.65 -11.46 0.62
N ILE A 145 9.91 -11.04 0.67
CA ILE A 145 10.35 -9.90 1.51
C ILE A 145 10.88 -8.82 0.57
N ASP A 146 10.23 -7.66 0.54
CA ASP A 146 10.71 -6.48 -0.22
C ASP A 146 11.45 -5.58 0.79
N ILE A 147 12.78 -5.66 0.78
CA ILE A 147 13.66 -4.86 1.67
C ILE A 147 13.60 -3.39 1.23
N MET A 148 13.69 -3.12 -0.06
CA MET A 148 13.58 -1.74 -0.62
C MET A 148 12.83 -1.81 -1.95
N GLU A 149 11.86 -0.92 -2.17
CA GLU A 149 11.46 -0.53 -3.54
C GLU A 149 11.17 0.98 -3.53
N MET A 150 11.45 1.65 -4.64
CA MET A 150 11.14 3.08 -4.86
C MET A 150 10.37 3.23 -6.18
N GLY A 151 9.77 4.40 -6.42
CA GLY A 151 9.09 4.72 -7.69
C GLY A 151 7.57 4.59 -7.61
N GLU A 152 7.00 4.54 -6.41
CA GLU A 152 5.53 4.42 -6.25
C GLU A 152 4.81 5.72 -6.65
N GLN A 153 3.62 5.56 -7.24
CA GLN A 153 2.63 6.63 -7.55
C GLN A 153 2.68 7.72 -6.49
N SER A 154 2.36 7.38 -5.23
CA SER A 154 2.16 8.35 -4.13
C SER A 154 3.43 9.19 -3.90
N GLY A 155 4.62 8.59 -4.06
CA GLY A 155 5.91 9.32 -3.96
C GLY A 155 5.99 10.49 -4.95
N MET A 156 5.50 10.32 -6.17
CA MET A 156 5.50 11.41 -7.19
C MET A 156 4.43 12.44 -6.81
N ALA A 157 3.28 11.96 -6.32
CA ALA A 157 2.11 12.77 -5.91
C ALA A 157 2.43 13.57 -4.63
N ALA A 158 3.33 13.07 -3.80
CA ALA A 158 3.79 13.70 -2.54
C ALA A 158 5.06 14.53 -2.76
N GLY A 159 5.54 14.61 -4.01
CA GLY A 159 6.73 15.40 -4.45
C GLY A 159 7.97 15.06 -3.66
N ASP A 160 8.12 13.80 -3.19
CA ASP A 160 9.33 13.28 -2.51
C ASP A 160 9.72 11.93 -3.13
N SER A 161 9.74 11.81 -4.46
CA SER A 161 10.04 10.57 -5.23
C SER A 161 11.46 10.05 -4.93
N GLU A 162 12.37 10.95 -4.56
CA GLU A 162 13.79 10.60 -4.27
C GLU A 162 13.94 10.06 -2.85
N LYS A 163 12.91 10.22 -2.02
CA LYS A 163 12.97 9.88 -0.56
C LYS A 163 11.96 8.78 -0.19
N GLN A 164 10.89 8.57 -0.98
CA GLN A 164 9.79 7.67 -0.55
C GLN A 164 10.13 6.20 -0.86
N VAL A 165 10.16 5.38 0.19
CA VAL A 165 10.55 3.95 0.10
C VAL A 165 9.37 3.11 0.60
N ASN A 166 9.08 2.01 -0.09
CA ASN A 166 8.15 0.95 0.37
C ASN A 166 8.97 -0.26 0.83
N THR A 167 8.61 -0.81 1.99
CA THR A 167 9.07 -2.15 2.45
C THR A 167 7.80 -2.98 2.66
N ALA A 168 7.88 -4.29 2.45
CA ALA A 168 6.68 -5.17 2.42
C ALA A 168 7.04 -6.65 2.61
N ILE A 169 6.06 -7.43 3.06
CA ILE A 169 6.08 -8.92 3.04
C ILE A 169 4.79 -9.41 2.37
N HIS A 170 4.90 -10.40 1.48
CA HIS A 170 3.74 -11.06 0.83
C HIS A 170 3.76 -12.54 1.20
N TYR A 171 2.58 -13.11 1.45
CA TYR A 171 2.46 -14.53 1.89
C TYR A 171 1.02 -14.97 1.62
N GLY A 172 0.72 -16.22 1.96
CA GLY A 172 -0.60 -16.85 1.74
C GLY A 172 -0.49 -18.04 0.80
N PRO A 173 -1.45 -19.01 0.86
CA PRO A 173 -1.33 -20.26 0.11
C PRO A 173 -1.54 -20.18 -1.41
N SER A 174 -2.19 -19.15 -1.93
CA SER A 174 -2.50 -18.99 -3.37
C SER A 174 -2.58 -17.49 -3.72
N ALA A 175 -2.65 -17.17 -5.02
CA ALA A 175 -2.82 -15.77 -5.51
C ALA A 175 -4.16 -15.24 -4.99
N ALA A 176 -5.19 -16.08 -4.96
CA ALA A 176 -6.53 -15.74 -4.43
C ALA A 176 -6.41 -15.35 -2.95
N ALA A 177 -5.57 -16.04 -2.17
CA ALA A 177 -5.42 -15.80 -0.71
C ALA A 177 -4.13 -15.02 -0.42
N HIS A 178 -3.74 -14.12 -1.33
CA HIS A 178 -2.59 -13.18 -1.20
C HIS A 178 -2.81 -12.23 -0.02
N GLU A 179 -1.94 -12.26 0.99
CA GLU A 179 -1.93 -11.30 2.12
C GLU A 179 -0.66 -10.45 2.03
N GLN A 180 -0.72 -9.18 2.42
CA GLN A 180 0.50 -8.31 2.40
C GLN A 180 0.46 -7.29 3.54
N GLN A 181 1.61 -7.13 4.20
CA GLN A 181 1.91 -6.01 5.12
C GLN A 181 2.91 -5.10 4.40
N TYR A 182 2.72 -3.78 4.48
N TYR A 182 2.66 -3.78 4.47
CA TYR A 182 3.72 -2.83 3.93
CA TYR A 182 3.51 -2.69 3.91
C TYR A 182 3.79 -1.58 4.79
C TYR A 182 3.85 -1.68 5.00
N TYR A 183 4.99 -1.00 4.83
CA TYR A 183 5.29 0.29 5.47
C TYR A 183 5.86 1.19 4.37
N LYS A 184 5.45 2.45 4.33
CA LYS A 184 6.10 3.46 3.46
C LYS A 184 6.22 4.76 4.25
N ALA A 185 7.31 5.47 3.99
CA ALA A 185 7.67 6.76 4.61
C ALA A 185 8.74 7.40 3.75
N ASN A 186 9.03 8.68 3.98
CA ASN A 186 10.18 9.38 3.38
C ASN A 186 11.36 9.25 4.34
N VAL A 187 12.52 8.80 3.86
CA VAL A 187 13.82 8.89 4.61
C VAL A 187 14.25 10.36 4.64
N ALA A 188 15.20 10.70 5.52
CA ALA A 188 15.69 12.07 5.75
C ALA A 188 16.29 12.65 4.45
N ASN A 189 17.14 11.89 3.74
CA ASN A 189 18.00 12.38 2.62
C ASN A 189 17.70 11.60 1.32
N SER A 190 17.85 12.25 0.16
CA SER A 190 17.68 11.63 -1.18
C SER A 190 18.46 10.32 -1.25
N LEU A 191 17.86 9.27 -1.82
CA LEU A 191 18.55 7.97 -2.07
C LEU A 191 18.95 7.91 -3.54
N GLN A 192 18.70 9.00 -4.26
CA GLN A 192 18.84 9.10 -5.74
C GLN A 192 19.70 10.34 -6.03
N ASP A 193 20.82 10.42 -5.32
CA ASP A 193 21.63 11.64 -5.12
C ASP A 193 22.99 11.43 -5.79
N GLY A 194 23.13 10.40 -6.63
CA GLY A 194 24.41 10.03 -7.27
C GLY A 194 25.32 9.20 -6.36
N ASN A 195 24.95 8.93 -5.10
CA ASN A 195 25.80 8.10 -4.22
C ASN A 195 25.17 6.72 -3.96
N TYR A 196 26.00 5.84 -3.39
CA TYR A 196 25.60 4.50 -2.92
C TYR A 196 24.98 4.64 -1.53
N HIS A 197 23.92 3.87 -1.28
CA HIS A 197 23.23 3.75 0.03
C HIS A 197 23.15 2.27 0.42
N THR A 198 23.17 2.01 1.71
CA THR A 198 23.13 0.65 2.31
C THR A 198 21.70 0.31 2.70
N TYR A 199 21.21 -0.82 2.18
CA TYR A 199 19.89 -1.40 2.51
C TYR A 199 20.12 -2.72 3.24
N SER A 200 19.53 -2.85 4.42
CA SER A 200 19.82 -3.93 5.38
C SER A 200 18.52 -4.62 5.78
N LEU A 201 18.54 -5.96 5.84
CA LEU A 201 17.52 -6.78 6.52
C LEU A 201 18.18 -7.52 7.68
N ASP A 202 17.71 -7.30 8.90
CA ASP A 202 17.91 -8.18 10.07
C ASP A 202 16.71 -9.12 10.21
N TRP A 203 16.98 -10.39 10.47
CA TRP A 203 16.02 -11.52 10.35
C TRP A 203 16.29 -12.53 11.47
N ASP A 204 15.38 -12.67 12.43
CA ASP A 204 15.39 -13.77 13.41
C ASP A 204 13.96 -14.35 13.44
N GLU A 205 13.65 -15.22 14.39
CA GLU A 205 12.37 -16.00 14.35
C GLU A 205 11.19 -15.07 14.71
N ASN A 206 11.46 -13.89 15.27
CA ASN A 206 10.39 -12.96 15.72
C ASN A 206 10.21 -11.80 14.75
N ASN A 207 11.27 -11.34 14.08
CA ASN A 207 11.28 -9.99 13.48
C ASN A 207 12.05 -9.93 12.17
N LEU A 208 11.49 -9.15 11.24
CA LEU A 208 12.17 -8.65 10.02
C LEU A 208 12.36 -7.15 10.18
N THR A 209 13.61 -6.70 10.28
CA THR A 209 13.94 -5.28 10.49
C THR A 209 14.73 -4.76 9.28
N ILE A 210 14.10 -3.86 8.54
CA ILE A 210 14.72 -3.14 7.39
C ILE A 210 15.37 -1.86 7.93
N SER A 211 16.62 -1.59 7.52
CA SER A 211 17.36 -0.34 7.81
C SER A 211 17.87 0.26 6.50
N ILE A 212 17.92 1.59 6.43
CA ILE A 212 18.47 2.34 5.27
C ILE A 212 19.56 3.29 5.80
N ASP A 213 20.81 3.09 5.35
CA ASP A 213 22.00 3.84 5.86
C ASP A 213 22.02 3.75 7.40
N ASN A 214 21.88 2.54 7.94
CA ASN A 214 21.97 2.22 9.40
C ASN A 214 20.86 2.91 10.20
N VAL A 215 19.86 3.50 9.54
CA VAL A 215 18.66 4.07 10.24
C VAL A 215 17.56 3.03 10.11
N LYS A 216 17.06 2.52 11.25
CA LYS A 216 15.94 1.53 11.24
C LYS A 216 14.77 2.18 10.52
N PHE A 217 14.18 1.46 9.58
CA PHE A 217 13.04 1.92 8.74
C PHE A 217 11.75 1.27 9.22
N HIS A 218 11.70 -0.05 9.35
CA HIS A 218 10.49 -0.74 9.86
C HIS A 218 10.83 -2.16 10.33
N THR A 219 10.05 -2.65 11.29
CA THR A 219 10.10 -4.05 11.79
C THR A 219 8.73 -4.68 11.56
N PHE A 220 8.68 -5.77 10.76
CA PHE A 220 7.51 -6.68 10.63
C PHE A 220 7.64 -7.83 11.63
N ASP A 221 6.60 -8.03 12.44
CA ASP A 221 6.49 -9.19 13.37
C ASP A 221 6.18 -10.46 12.55
N ILE A 222 7.09 -11.44 12.52
CA ILE A 222 6.87 -12.74 11.83
C ILE A 222 6.82 -13.89 12.86
N SER A 223 6.72 -13.58 14.15
CA SER A 223 6.84 -14.58 15.24
C SER A 223 5.92 -15.78 14.98
N SER A 224 4.67 -15.54 14.53
CA SER A 224 3.65 -16.59 14.29
C SER A 224 3.23 -16.65 12.81
N ASN A 225 4.04 -16.07 11.92
CA ASN A 225 3.85 -16.08 10.44
C ASN A 225 4.73 -17.17 9.83
N THR A 226 4.11 -18.24 9.30
CA THR A 226 4.76 -19.53 8.92
C THR A 226 5.60 -19.39 7.64
N TYR A 227 5.51 -18.25 6.93
CA TYR A 227 6.07 -18.08 5.57
C TYR A 227 7.51 -17.52 5.61
N PHE A 228 8.08 -17.23 6.79
CA PHE A 228 9.36 -16.47 6.90
C PHE A 228 10.33 -17.23 7.83
N HIS A 229 10.33 -18.55 7.74
CA HIS A 229 11.14 -19.45 8.62
C HIS A 229 11.79 -20.56 7.81
N ASP A 230 12.10 -20.29 6.55
CA ASP A 230 12.85 -21.20 5.64
C ASP A 230 13.81 -20.32 4.82
N ASN A 231 14.69 -20.96 4.06
CA ASN A 231 15.68 -20.30 3.17
C ASN A 231 14.97 -19.38 2.17
N PHE A 232 15.45 -18.15 2.02
CA PHE A 232 15.07 -17.23 0.93
C PHE A 232 16.29 -16.96 0.05
N TYR A 233 16.08 -16.80 -1.26
CA TYR A 233 17.09 -16.32 -2.24
C TYR A 233 16.89 -14.81 -2.44
N ILE A 234 17.82 -14.17 -3.17
CA ILE A 234 17.89 -12.69 -3.37
C ILE A 234 17.51 -12.37 -4.82
N LEU A 235 16.94 -11.18 -5.03
CA LEU A 235 16.64 -10.60 -6.36
C LEU A 235 17.05 -9.12 -6.32
N PHE A 236 17.55 -8.62 -7.45
CA PHE A 236 17.63 -7.18 -7.78
C PHE A 236 16.92 -6.99 -9.12
N ASN A 237 16.20 -5.89 -9.30
CA ASN A 237 15.65 -5.56 -10.63
C ASN A 237 15.41 -4.06 -10.75
N LEU A 238 15.37 -3.60 -12.00
CA LEU A 238 14.87 -2.27 -12.38
C LEU A 238 13.69 -2.50 -13.32
N ALA A 239 12.46 -2.49 -12.78
CA ALA A 239 11.24 -2.49 -13.61
C ALA A 239 11.06 -1.09 -14.20
N VAL A 240 10.32 -1.00 -15.30
CA VAL A 240 9.92 0.27 -15.93
C VAL A 240 8.40 0.24 -16.09
N GLY A 241 7.71 1.22 -15.50
CA GLY A 241 6.25 1.22 -15.37
C GLY A 241 5.77 0.03 -14.55
N GLY A 242 4.46 -0.18 -14.53
CA GLY A 242 3.80 -1.17 -13.65
C GLY A 242 2.82 -0.49 -12.73
N ALA A 243 1.87 -1.28 -12.20
CA ALA A 243 0.75 -0.80 -11.35
C ALA A 243 1.32 -0.01 -10.18
N PHE A 244 2.41 -0.48 -9.57
CA PHE A 244 3.07 0.17 -8.39
C PHE A 244 3.38 1.65 -8.71
N THR A 245 3.85 1.94 -9.92
CA THR A 245 4.25 3.30 -10.38
C THR A 245 3.01 4.13 -10.75
N GLY A 246 1.89 3.48 -11.05
CA GLY A 246 0.67 4.10 -11.59
C GLY A 246 0.84 4.52 -13.05
N ILE A 247 1.90 4.05 -13.72
CA ILE A 247 2.16 4.27 -15.17
C ILE A 247 2.23 2.90 -15.87
N THR A 248 1.14 2.50 -16.52
CA THR A 248 1.06 1.22 -17.28
C THR A 248 0.92 1.51 -18.79
N ASP A 249 0.95 2.78 -19.18
CA ASP A 249 0.84 3.24 -20.60
C ASP A 249 2.12 3.98 -20.96
N ILE A 250 2.84 3.50 -21.97
CA ILE A 250 4.17 4.05 -22.41
C ILE A 250 4.05 5.55 -22.70
N ASN A 251 2.88 6.03 -23.16
CA ASN A 251 2.64 7.45 -23.49
C ASN A 251 2.86 8.33 -22.26
N LYS A 252 2.62 7.80 -21.06
CA LYS A 252 2.71 8.54 -19.77
C LYS A 252 4.10 8.34 -19.14
N LEU A 253 4.97 7.51 -19.74
CA LEU A 253 6.29 7.15 -19.15
C LEU A 253 7.33 8.25 -19.42
N THR A 254 7.44 9.23 -18.52
CA THR A 254 8.34 10.41 -18.64
C THR A 254 9.72 10.09 -18.06
N GLY A 255 9.85 9.01 -17.27
CA GLY A 255 11.08 8.64 -16.55
C GLY A 255 12.08 7.89 -17.42
N LEU A 256 11.64 7.38 -18.56
CA LEU A 256 12.50 6.72 -19.58
C LEU A 256 11.99 7.10 -20.98
N LYS A 257 12.49 8.20 -21.54
CA LYS A 257 12.09 8.67 -22.89
C LYS A 257 12.76 7.80 -23.97
N ASP A 258 12.20 7.85 -25.18
CA ASP A 258 12.78 7.26 -26.42
C ASP A 258 14.26 7.67 -26.54
N GLY A 259 15.19 6.72 -26.56
CA GLY A 259 16.63 6.94 -26.80
C GLY A 259 17.42 7.06 -25.51
N GLN A 260 16.76 6.94 -24.36
CA GLN A 260 17.37 7.13 -23.01
C GLN A 260 17.85 5.78 -22.48
N LYS A 261 18.87 5.82 -21.64
CA LYS A 261 19.54 4.67 -21.01
C LYS A 261 19.80 5.06 -19.54
N VAL A 262 19.36 4.24 -18.58
CA VAL A 262 19.53 4.52 -17.12
C VAL A 262 20.12 3.27 -16.45
N ASN A 263 20.92 3.47 -15.40
CA ASN A 263 21.71 2.38 -14.77
C ASN A 263 21.36 2.31 -13.28
N MET A 264 21.12 1.09 -12.79
CA MET A 264 21.07 0.75 -11.35
C MET A 264 22.35 0.02 -11.03
N TYR A 265 23.06 0.40 -9.97
CA TYR A 265 24.40 -0.12 -9.63
C TYR A 265 24.36 -0.78 -8.25
N ILE A 266 24.81 -2.03 -8.15
CA ILE A 266 25.03 -2.71 -6.84
C ILE A 266 26.54 -2.89 -6.69
N ASP A 267 27.16 -2.14 -5.77
CA ASP A 267 28.61 -2.22 -5.45
C ASP A 267 28.89 -3.59 -4.82
N TRP A 268 28.05 -4.02 -3.89
CA TRP A 268 28.24 -5.31 -3.16
C TRP A 268 26.94 -5.72 -2.47
N VAL A 269 26.84 -7.02 -2.19
CA VAL A 269 25.83 -7.61 -1.27
C VAL A 269 26.58 -8.53 -0.29
N LYS A 270 26.22 -8.52 0.98
CA LYS A 270 26.82 -9.46 1.95
C LYS A 270 25.74 -10.00 2.88
N ILE A 271 25.93 -11.26 3.28
CA ILE A 271 25.17 -11.99 4.33
C ILE A 271 26.12 -12.17 5.52
N LEU A 272 25.73 -11.74 6.72
CA LEU A 272 26.51 -11.90 7.97
C LEU A 272 25.78 -12.89 8.88
N ILE B 36 -22.52 -1.57 26.84
CA ILE B 36 -22.51 -0.61 25.69
C ILE B 36 -22.40 0.83 26.23
N LEU B 37 -21.26 1.49 26.01
CA LEU B 37 -21.03 2.89 26.43
C LEU B 37 -21.74 3.85 25.46
N PHE B 38 -21.87 3.49 24.18
CA PHE B 38 -22.51 4.34 23.15
C PHE B 38 -23.00 3.50 21.97
N LYS B 39 -24.16 3.88 21.40
CA LYS B 39 -24.82 3.19 20.27
C LYS B 39 -25.56 4.24 19.43
N ASP B 40 -25.37 4.26 18.11
CA ASP B 40 -26.27 5.04 17.21
C ASP B 40 -26.96 4.04 16.29
N ASP B 41 -28.29 3.98 16.38
CA ASP B 41 -29.19 3.10 15.56
C ASP B 41 -29.66 3.86 14.31
N PHE B 42 -29.29 5.14 14.20
CA PHE B 42 -29.61 6.02 13.05
C PHE B 42 -31.12 6.04 12.79
N ASN B 43 -31.93 6.15 13.85
CA ASN B 43 -33.38 6.46 13.73
C ASN B 43 -33.53 7.91 13.23
N PHE B 44 -32.59 8.78 13.59
CA PHE B 44 -32.47 10.19 13.12
C PHE B 44 -30.98 10.54 12.97
N PHE B 45 -30.69 11.60 12.21
CA PHE B 45 -29.34 12.21 12.11
C PHE B 45 -29.09 13.10 13.33
N ASP B 46 -28.31 12.62 14.29
CA ASP B 46 -28.07 13.32 15.58
C ASP B 46 -26.91 14.30 15.40
N GLU B 47 -27.21 15.60 15.29
CA GLU B 47 -26.23 16.70 15.07
C GLU B 47 -25.39 16.92 16.32
N LYS B 48 -25.79 16.34 17.46
CA LYS B 48 -25.00 16.35 18.71
C LYS B 48 -23.86 15.34 18.62
N VAL B 49 -23.92 14.39 17.68
CA VAL B 49 -22.87 13.35 17.50
C VAL B 49 -22.13 13.55 16.18
N TRP B 50 -22.83 13.87 15.08
CA TRP B 50 -22.25 13.85 13.70
C TRP B 50 -22.28 15.23 13.07
N THR B 51 -21.33 15.48 12.16
CA THR B 51 -21.25 16.69 11.32
C THR B 51 -21.09 16.20 9.86
N LYS B 52 -21.89 16.72 8.95
CA LYS B 52 -21.76 16.46 7.49
C LYS B 52 -20.71 17.41 6.92
N GLU B 53 -19.83 16.91 6.07
CA GLU B 53 -18.70 17.70 5.51
C GLU B 53 -19.09 18.26 4.15
N THR B 54 -18.52 19.42 3.82
CA THR B 54 -18.68 20.11 2.51
C THR B 54 -17.28 20.42 1.99
N HIS B 55 -16.88 19.79 0.88
CA HIS B 55 -15.58 20.03 0.21
C HIS B 55 -15.80 20.00 -1.30
N GLU B 56 -14.88 20.61 -2.05
CA GLU B 56 -14.87 20.61 -3.54
C GLU B 56 -14.11 19.38 -4.01
N PRO B 57 -14.33 18.93 -5.27
CA PRO B 57 -13.49 17.91 -5.88
C PRO B 57 -12.03 18.31 -5.70
N GLY B 58 -11.15 17.33 -5.48
CA GLY B 58 -9.69 17.48 -5.42
C GLY B 58 -9.19 17.87 -4.04
N TRP B 59 -10.09 18.07 -3.08
CA TRP B 59 -9.74 18.48 -1.69
C TRP B 59 -8.69 17.51 -1.12
N THR B 60 -8.90 16.18 -1.19
CA THR B 60 -7.87 15.18 -0.81
C THR B 60 -7.74 14.08 -1.87
N ASN B 61 -6.53 13.51 -1.97
CA ASN B 61 -6.24 12.24 -2.68
C ASN B 61 -6.75 12.30 -4.13
N GLN B 62 -6.80 13.50 -4.73
CA GLN B 62 -7.21 13.72 -6.13
C GLN B 62 -8.60 13.09 -6.35
N GLU B 63 -9.48 13.18 -5.36
CA GLU B 63 -10.86 12.63 -5.38
C GLU B 63 -11.73 13.46 -6.35
N LEU B 64 -12.69 12.79 -7.00
CA LEU B 64 -13.58 13.39 -8.04
C LEU B 64 -14.84 13.99 -7.41
N GLN B 65 -15.29 13.50 -6.25
CA GLN B 65 -16.58 13.96 -5.66
C GLN B 65 -16.43 15.31 -4.95
N ALA B 66 -17.47 16.13 -5.05
CA ALA B 66 -17.83 17.18 -4.07
C ALA B 66 -18.63 16.53 -2.94
N TYR B 67 -18.21 16.71 -1.69
CA TYR B 67 -19.00 16.33 -0.48
C TYR B 67 -19.98 17.46 -0.16
N ASP B 68 -21.25 17.14 0.14
CA ASP B 68 -22.29 18.13 0.54
C ASP B 68 -23.29 17.45 1.49
N ALA B 69 -24.10 18.26 2.17
CA ALA B 69 -25.05 17.81 3.22
C ALA B 69 -26.18 17.02 2.57
N ALA B 70 -26.54 17.34 1.32
CA ALA B 70 -27.67 16.75 0.59
C ALA B 70 -27.43 15.25 0.31
N HIS B 71 -26.18 14.79 0.26
CA HIS B 71 -25.81 13.40 -0.10
C HIS B 71 -25.51 12.59 1.16
N VAL B 72 -25.92 13.13 2.32
CA VAL B 72 -25.98 12.41 3.62
C VAL B 72 -27.41 12.50 4.12
N SER B 73 -28.04 11.35 4.39
CA SER B 73 -29.40 11.29 4.97
C SER B 73 -29.48 10.10 5.91
N VAL B 74 -30.59 10.04 6.65
CA VAL B 74 -31.02 8.87 7.46
C VAL B 74 -32.35 8.42 6.89
N GLY B 75 -32.56 7.11 6.76
CA GLY B 75 -33.74 6.56 6.09
C GLY B 75 -33.94 5.10 6.42
N LYS B 76 -34.72 4.40 5.59
CA LYS B 76 -35.09 2.98 5.79
C LYS B 76 -34.44 2.15 4.70
N ASP B 77 -33.91 0.98 5.08
CA ASP B 77 -33.53 -0.12 4.18
C ASP B 77 -34.21 -1.39 4.69
N GLY B 78 -35.30 -1.81 4.07
CA GLY B 78 -36.24 -2.79 4.65
C GLY B 78 -36.73 -2.30 6.01
N ASP B 79 -36.68 -3.16 7.04
CA ASP B 79 -37.10 -2.85 8.43
C ASP B 79 -36.03 -2.01 9.17
N LYS B 80 -34.87 -1.74 8.57
CA LYS B 80 -33.68 -1.16 9.28
C LYS B 80 -33.61 0.37 9.16
N SER B 81 -33.35 1.03 10.28
CA SER B 81 -32.93 2.46 10.35
C SER B 81 -31.43 2.55 10.02
N VAL B 82 -31.07 3.33 8.99
CA VAL B 82 -29.69 3.38 8.41
C VAL B 82 -29.27 4.83 8.16
N LEU B 83 -27.97 5.10 8.32
CA LEU B 83 -27.29 6.29 7.73
C LEU B 83 -27.00 5.96 6.27
N ILE B 84 -27.34 6.88 5.36
CA ILE B 84 -27.17 6.70 3.89
C ILE B 84 -26.22 7.78 3.39
N LEU B 85 -25.06 7.34 2.87
CA LEU B 85 -24.15 8.18 2.06
C LEU B 85 -24.41 7.84 0.60
N THR B 86 -24.80 8.84 -0.19
CA THR B 86 -25.24 8.68 -1.59
C THR B 86 -24.23 9.35 -2.52
N ALA B 87 -23.56 8.56 -3.35
CA ALA B 87 -22.74 9.04 -4.47
C ALA B 87 -23.68 9.24 -5.65
N GLU B 88 -23.56 10.37 -6.35
CA GLU B 88 -24.43 10.72 -7.49
C GLU B 88 -23.62 11.49 -8.53
N ARG B 89 -23.93 11.27 -9.80
CA ARG B 89 -23.33 11.94 -10.97
C ARG B 89 -24.43 12.54 -11.84
N LYS B 90 -24.38 13.85 -12.10
CA LYS B 90 -25.14 14.56 -13.15
C LYS B 90 -24.14 15.24 -14.09
N GLY B 91 -24.13 14.86 -15.36
CA GLY B 91 -23.08 15.28 -16.31
C GLY B 91 -21.72 14.88 -15.78
N ASN B 92 -20.79 15.83 -15.72
CA ASN B 92 -19.40 15.59 -15.23
C ASN B 92 -19.29 16.00 -13.76
N LYS B 93 -20.38 16.44 -13.12
CA LYS B 93 -20.37 16.82 -11.69
C LYS B 93 -20.69 15.60 -10.84
N ILE B 94 -19.90 15.37 -9.80
CA ILE B 94 -20.00 14.18 -8.90
C ILE B 94 -20.24 14.69 -7.48
N TYR B 95 -21.22 14.11 -6.78
CA TYR B 95 -21.54 14.44 -5.38
C TYR B 95 -21.42 13.17 -4.53
N SER B 96 -21.04 13.29 -3.27
CA SER B 96 -21.18 12.18 -2.29
C SER B 96 -21.23 12.71 -0.86
N GLY B 97 -21.17 11.82 0.12
CA GLY B 97 -21.33 12.16 1.54
C GLY B 97 -20.18 11.68 2.40
N ARG B 98 -19.89 12.46 3.44
CA ARG B 98 -18.86 12.17 4.47
C ARG B 98 -19.32 12.82 5.79
N ILE B 99 -19.26 12.08 6.90
CA ILE B 99 -19.60 12.58 8.27
C ILE B 99 -18.44 12.28 9.24
N ASN B 100 -18.38 13.00 10.35
CA ASN B 100 -17.40 12.78 11.43
C ASN B 100 -18.01 13.22 12.77
N SER B 101 -17.43 12.75 13.88
CA SER B 101 -17.88 13.04 15.27
C SER B 101 -16.81 13.86 16.00
N LYS B 102 -16.01 14.63 15.26
CA LYS B 102 -14.93 15.48 15.82
C LYS B 102 -15.53 16.56 16.74
N GLY B 103 -15.01 16.65 17.96
CA GLY B 103 -15.50 17.60 18.99
C GLY B 103 -16.87 17.22 19.54
N LYS B 104 -17.40 16.04 19.19
CA LYS B 104 -18.76 15.59 19.62
C LYS B 104 -18.71 14.22 20.28
N LYS B 105 -18.05 13.24 19.66
CA LYS B 105 -17.96 11.87 20.21
C LYS B 105 -16.59 11.30 19.86
N SER B 106 -15.75 11.12 20.89
CA SER B 106 -14.39 10.54 20.79
C SER B 106 -14.17 9.58 21.95
N PHE B 107 -13.26 8.63 21.80
CA PHE B 107 -13.04 7.55 22.79
C PHE B 107 -11.60 7.07 22.68
N LYS B 108 -11.20 6.22 23.62
CA LYS B 108 -9.80 5.75 23.77
C LYS B 108 -9.87 4.35 24.39
N TYR B 109 -9.08 3.41 23.88
CA TYR B 109 -8.94 2.02 24.41
C TYR B 109 -10.33 1.39 24.63
N ARG B 110 -11.21 1.48 23.63
CA ARG B 110 -12.51 0.76 23.63
C ARG B 110 -12.70 0.08 22.26
N LYS B 111 -13.61 -0.89 22.20
CA LYS B 111 -14.01 -1.61 20.96
C LYS B 111 -15.05 -0.77 20.21
N ILE B 112 -14.81 -0.51 18.92
CA ILE B 112 -15.80 0.18 18.05
C ILE B 112 -16.20 -0.81 16.96
N GLU B 113 -17.51 -0.96 16.72
CA GLU B 113 -18.10 -1.84 15.69
C GLU B 113 -19.11 -1.04 14.87
N ALA B 114 -19.21 -1.31 13.58
CA ALA B 114 -20.25 -0.74 12.71
C ALA B 114 -20.72 -1.81 11.72
N SER B 115 -22.03 -1.83 11.47
CA SER B 115 -22.67 -2.75 10.52
C SER B 115 -22.94 -1.97 9.24
N ILE B 116 -22.21 -2.31 8.18
CA ILE B 116 -22.19 -1.55 6.90
C ILE B 116 -22.57 -2.50 5.76
N LYS B 117 -23.48 -2.04 4.90
CA LYS B 117 -23.77 -2.65 3.59
C LYS B 117 -23.11 -1.77 2.52
N LEU B 118 -22.16 -2.35 1.79
CA LEU B 118 -21.32 -1.63 0.80
C LEU B 118 -21.92 -1.80 -0.59
N PRO B 119 -21.78 -0.78 -1.45
CA PRO B 119 -22.15 -0.90 -2.85
C PRO B 119 -21.07 -1.68 -3.58
N LYS B 120 -21.35 -2.07 -4.84
CA LYS B 120 -20.32 -2.55 -5.77
C LYS B 120 -19.35 -1.39 -5.99
N THR B 121 -18.06 -1.60 -5.74
CA THR B 121 -17.02 -0.52 -5.79
C THR B 121 -16.31 -0.50 -7.14
N ASN B 122 -16.36 -1.61 -7.90
CA ASN B 122 -15.61 -1.76 -9.17
C ASN B 122 -15.85 -0.51 -10.04
N GLY B 123 -14.79 0.12 -10.56
CA GLY B 123 -14.86 1.28 -11.45
C GLY B 123 -14.82 2.62 -10.73
N GLY B 124 -14.48 2.65 -9.44
CA GLY B 124 -13.94 3.88 -8.83
C GLY B 124 -14.55 4.28 -7.49
N LEU B 125 -15.46 3.50 -6.92
CA LEU B 125 -16.04 3.86 -5.59
C LEU B 125 -15.05 3.49 -4.47
N TRP B 126 -15.05 4.28 -3.41
CA TRP B 126 -14.04 4.26 -2.32
C TRP B 126 -14.73 4.52 -0.98
N PRO B 127 -15.41 3.51 -0.41
CA PRO B 127 -16.00 3.62 0.92
C PRO B 127 -14.97 3.38 2.03
N ALA B 128 -15.14 4.05 3.17
CA ALA B 128 -14.24 3.89 4.33
C ALA B 128 -14.99 4.10 5.65
N PHE B 129 -14.55 3.35 6.65
CA PHE B 129 -14.90 3.47 8.08
C PHE B 129 -13.57 3.69 8.81
N TRP B 130 -13.37 4.87 9.40
CA TRP B 130 -12.04 5.25 9.94
C TRP B 130 -12.15 6.22 11.12
N MET B 131 -10.99 6.59 11.68
CA MET B 131 -10.91 7.46 12.88
C MET B 131 -9.69 8.36 12.74
N MET B 132 -9.77 9.58 13.29
CA MET B 132 -8.62 10.51 13.45
C MET B 132 -8.63 11.07 14.89
N GLY B 133 -7.47 11.54 15.35
CA GLY B 133 -7.27 12.08 16.71
C GLY B 133 -8.15 13.28 16.98
N ASP B 134 -8.83 13.29 18.12
CA ASP B 134 -9.75 14.38 18.52
C ASP B 134 -8.92 15.49 19.18
N ASN B 135 -8.08 16.16 18.39
CA ASN B 135 -7.22 17.31 18.81
C ASN B 135 -7.13 18.27 17.62
N ASP B 136 -6.37 19.37 17.75
CA ASP B 136 -6.30 20.45 16.75
C ASP B 136 -5.07 20.25 15.83
N LYS B 137 -4.30 19.17 16.01
CA LYS B 137 -3.05 18.93 15.23
C LYS B 137 -3.38 18.63 13.76
N GLN B 138 -2.66 19.26 12.83
CA GLN B 138 -2.80 19.00 11.38
C GLN B 138 -2.42 17.54 11.09
N TRP B 139 -3.14 16.92 10.15
CA TRP B 139 -2.89 15.54 9.65
C TRP B 139 -1.48 15.49 9.07
N PRO B 140 -0.69 14.41 9.24
CA PRO B 140 -1.09 13.21 9.97
C PRO B 140 -0.76 13.16 11.47
N ALA B 141 -0.39 14.32 12.03
CA ALA B 141 0.06 14.45 13.44
C ALA B 141 -1.08 14.05 14.38
N CYS B 142 -2.33 14.17 13.93
CA CYS B 142 -3.53 13.85 14.75
C CYS B 142 -3.67 12.34 14.89
N GLY B 143 -3.06 11.56 13.98
CA GLY B 143 -3.25 10.10 13.90
C GLY B 143 -4.45 9.74 13.05
N GLU B 144 -4.37 8.64 12.31
CA GLU B 144 -5.48 8.06 11.51
C GLU B 144 -5.44 6.54 11.64
N ILE B 145 -6.59 5.94 11.94
CA ILE B 145 -6.84 4.47 11.88
C ILE B 145 -7.89 4.25 10.79
N ASP B 146 -7.52 3.51 9.75
CA ASP B 146 -8.46 3.01 8.71
C ASP B 146 -8.87 1.58 9.09
N ILE B 147 -10.06 1.43 9.66
CA ILE B 147 -10.62 0.11 10.10
C ILE B 147 -10.94 -0.70 8.84
N MET B 148 -11.64 -0.11 7.87
CA MET B 148 -12.06 -0.72 6.57
C MET B 148 -11.99 0.33 5.46
N GLU B 149 -11.36 0.00 4.34
CA GLU B 149 -11.63 0.66 3.02
C GLU B 149 -11.61 -0.41 1.94
N MET B 150 -12.43 -0.20 0.92
CA MET B 150 -12.47 -1.03 -0.31
C MET B 150 -12.43 -0.08 -1.50
N GLY B 151 -12.16 -0.60 -2.69
CA GLY B 151 -12.11 0.13 -3.97
C GLY B 151 -10.70 0.34 -4.51
N GLU B 152 -9.68 -0.28 -3.92
CA GLU B 152 -8.27 -0.05 -4.34
C GLU B 152 -8.05 -0.54 -5.78
N GLN B 153 -7.24 0.20 -6.55
CA GLN B 153 -6.78 -0.14 -7.92
C GLN B 153 -6.49 -1.64 -8.08
N SER B 154 -5.60 -2.19 -7.24
CA SER B 154 -5.03 -3.56 -7.43
C SER B 154 -6.15 -4.62 -7.34
N GLY B 155 -7.19 -4.37 -6.54
CA GLY B 155 -8.34 -5.27 -6.39
C GLY B 155 -9.11 -5.41 -7.71
N MET B 156 -9.31 -4.30 -8.42
CA MET B 156 -9.96 -4.29 -9.75
C MET B 156 -9.08 -5.04 -10.75
N ALA B 157 -7.76 -4.81 -10.72
CA ALA B 157 -6.80 -5.45 -11.66
C ALA B 157 -6.79 -6.98 -11.45
N ALA B 158 -6.84 -7.45 -10.20
CA ALA B 158 -6.81 -8.88 -9.82
C ALA B 158 -8.18 -9.54 -10.00
N GLY B 159 -9.25 -8.74 -10.16
CA GLY B 159 -10.64 -9.24 -10.32
C GLY B 159 -11.29 -9.64 -8.99
N ASP B 160 -10.85 -9.09 -7.85
CA ASP B 160 -11.55 -9.35 -6.56
C ASP B 160 -11.78 -8.04 -5.79
N SER B 161 -12.31 -7.03 -6.48
CA SER B 161 -12.79 -5.75 -5.90
C SER B 161 -13.85 -5.99 -4.79
N GLU B 162 -14.56 -7.11 -4.81
CA GLU B 162 -15.67 -7.38 -3.84
C GLU B 162 -15.12 -7.98 -2.55
N LYS B 163 -13.86 -8.41 -2.55
CA LYS B 163 -13.26 -9.14 -1.40
C LYS B 163 -12.06 -8.41 -0.81
N GLN B 164 -11.40 -7.52 -1.57
CA GLN B 164 -10.08 -6.93 -1.19
C GLN B 164 -10.29 -5.75 -0.24
N VAL B 165 -9.90 -5.93 1.01
CA VAL B 165 -10.01 -4.91 2.10
C VAL B 165 -8.60 -4.41 2.43
N ASN B 166 -8.47 -3.08 2.61
CA ASN B 166 -7.31 -2.39 3.23
C ASN B 166 -7.69 -1.92 4.63
N THR B 167 -6.76 -2.08 5.58
CA THR B 167 -6.77 -1.47 6.93
C THR B 167 -5.39 -0.85 7.14
N ALA B 168 -5.29 0.29 7.82
CA ALA B 168 -4.05 1.09 7.85
C ALA B 168 -3.97 1.98 9.07
N ILE B 169 -2.76 2.38 9.42
CA ILE B 169 -2.54 3.52 10.35
C ILE B 169 -1.60 4.53 9.67
N HIS B 170 -1.91 5.82 9.87
CA HIS B 170 -1.12 6.98 9.36
C HIS B 170 -0.75 7.84 10.56
N TYR B 171 0.48 8.32 10.58
CA TYR B 171 1.06 9.09 11.72
C TYR B 171 2.29 9.85 11.23
N GLY B 172 2.90 10.60 12.14
CA GLY B 172 4.05 11.45 11.83
C GLY B 172 3.77 12.89 12.21
N PRO B 173 4.82 13.67 12.54
CA PRO B 173 4.64 15.04 13.04
C PRO B 173 4.24 16.04 11.95
N SER B 174 4.35 15.65 10.66
CA SER B 174 3.96 16.48 9.49
C SER B 174 3.71 15.62 8.23
N ALA B 175 3.23 16.24 7.15
CA ALA B 175 2.95 15.61 5.84
C ALA B 175 4.26 15.10 5.23
N ALA B 176 5.34 15.89 5.34
CA ALA B 176 6.69 15.53 4.85
C ALA B 176 7.23 14.31 5.61
N ALA B 177 6.80 14.10 6.86
CA ALA B 177 7.25 13.00 7.75
C ALA B 177 6.13 11.98 7.96
N HIS B 178 5.16 11.95 7.02
CA HIS B 178 4.01 11.00 6.97
C HIS B 178 4.52 9.56 6.95
N GLU B 179 4.07 8.72 7.89
CA GLU B 179 4.40 7.28 7.95
C GLU B 179 3.09 6.49 7.91
N GLN B 180 3.08 5.36 7.20
CA GLN B 180 1.87 4.52 7.13
C GLN B 180 2.23 3.04 7.19
N GLN B 181 1.46 2.28 7.96
CA GLN B 181 1.46 0.80 7.96
C GLN B 181 0.13 0.32 7.40
N TYR B 182 0.18 -0.63 6.46
N TYR B 182 0.13 -0.63 6.47
CA TYR B 182 -0.97 -1.22 5.75
CA TYR B 182 -1.14 -1.18 5.95
C TYR B 182 -0.97 -2.75 5.92
C TYR B 182 -1.01 -2.68 5.71
N TYR B 183 -2.16 -3.35 5.84
CA TYR B 183 -2.37 -4.79 5.58
C TYR B 183 -3.55 -4.86 4.61
N LYS B 184 -3.39 -5.67 3.57
CA LYS B 184 -4.38 -5.85 2.48
C LYS B 184 -4.52 -7.35 2.28
N ALA B 185 -5.76 -7.83 2.15
CA ALA B 185 -6.10 -9.23 1.89
C ALA B 185 -7.51 -9.29 1.30
N ASN B 186 -7.81 -10.38 0.59
CA ASN B 186 -9.18 -10.78 0.21
C ASN B 186 -9.77 -11.56 1.38
N VAL B 187 -10.92 -11.16 1.91
CA VAL B 187 -11.73 -12.04 2.81
C VAL B 187 -12.25 -13.21 1.97
N ALA B 188 -12.80 -14.24 2.62
CA ALA B 188 -13.22 -15.50 1.97
C ALA B 188 -14.32 -15.19 0.93
N ASN B 189 -15.31 -14.38 1.29
CA ASN B 189 -16.54 -14.16 0.46
C ASN B 189 -16.78 -12.65 0.26
N SER B 190 -17.50 -12.29 -0.81
CA SER B 190 -17.91 -10.90 -1.13
C SER B 190 -18.46 -10.18 0.11
N LEU B 191 -18.01 -8.94 0.36
CA LEU B 191 -18.58 -7.98 1.36
C LEU B 191 -19.53 -7.01 0.65
N GLN B 192 -19.65 -7.13 -0.67
CA GLN B 192 -20.57 -6.33 -1.51
C GLN B 192 -21.66 -7.26 -2.03
N ASP B 193 -22.24 -8.06 -1.12
CA ASP B 193 -23.11 -9.21 -1.42
C ASP B 193 -24.57 -8.86 -1.07
N GLY B 194 -24.89 -7.57 -0.92
CA GLY B 194 -26.23 -7.10 -0.53
C GLY B 194 -26.54 -7.33 0.94
N ASN B 195 -25.56 -7.72 1.77
CA ASN B 195 -25.76 -7.91 3.25
C ASN B 195 -24.95 -6.86 4.02
N TYR B 196 -25.35 -6.66 5.27
CA TYR B 196 -24.61 -5.85 6.27
C TYR B 196 -23.49 -6.73 6.80
N HIS B 197 -22.28 -6.19 6.94
CA HIS B 197 -21.13 -6.90 7.56
C HIS B 197 -20.68 -6.08 8.77
N THR B 198 -20.14 -6.75 9.79
CA THR B 198 -19.63 -6.11 11.03
C THR B 198 -18.13 -5.81 10.85
N TYR B 199 -17.76 -4.54 11.01
CA TYR B 199 -16.36 -4.06 11.03
C TYR B 199 -16.05 -3.59 12.45
N SER B 200 -14.97 -4.13 13.03
CA SER B 200 -14.62 -3.98 14.46
C SER B 200 -13.18 -3.51 14.58
N LEU B 201 -12.92 -2.60 15.53
CA LEU B 201 -11.57 -2.29 16.02
C LEU B 201 -11.52 -2.57 17.52
N ASP B 202 -10.58 -3.42 17.94
CA ASP B 202 -10.18 -3.63 19.36
C ASP B 202 -8.90 -2.82 19.59
N TRP B 203 -8.91 -1.98 20.62
CA TRP B 203 -7.87 -0.96 20.89
C TRP B 203 -7.45 -1.03 22.36
N ASP B 204 -6.16 -1.27 22.62
CA ASP B 204 -5.59 -1.11 23.99
C ASP B 204 -4.19 -0.49 23.86
N GLU B 205 -3.43 -0.45 24.97
CA GLU B 205 -2.08 0.18 25.04
C GLU B 205 -1.17 -0.40 23.96
N ASN B 206 -1.33 -1.70 23.62
CA ASN B 206 -0.35 -2.44 22.79
C ASN B 206 -0.83 -2.58 21.33
N ASN B 207 -2.14 -2.77 21.11
CA ASN B 207 -2.66 -3.33 19.83
C ASN B 207 -3.87 -2.57 19.30
N LEU B 208 -3.94 -2.46 17.96
CA LEU B 208 -5.17 -2.16 17.17
C LEU B 208 -5.52 -3.41 16.37
N THR B 209 -6.57 -4.14 16.76
CA THR B 209 -7.03 -5.39 16.12
C THR B 209 -8.32 -5.13 15.33
N ILE B 210 -8.27 -5.25 14.01
CA ILE B 210 -9.44 -5.10 13.10
C ILE B 210 -10.04 -6.50 12.87
N SER B 211 -11.36 -6.62 12.99
CA SER B 211 -12.11 -7.86 12.69
C SER B 211 -13.23 -7.57 11.67
N ILE B 212 -13.59 -8.59 10.89
CA ILE B 212 -14.71 -8.54 9.91
C ILE B 212 -15.58 -9.75 10.22
N ASP B 213 -16.86 -9.51 10.50
CA ASP B 213 -17.83 -10.54 10.96
C ASP B 213 -17.16 -11.42 12.02
N ASN B 214 -16.52 -10.79 13.02
CA ASN B 214 -16.00 -11.44 14.26
C ASN B 214 -14.86 -12.41 13.95
N VAL B 215 -14.17 -12.21 12.83
CA VAL B 215 -12.95 -12.97 12.43
C VAL B 215 -11.78 -11.97 12.36
N LYS B 216 -10.72 -12.19 13.15
CA LYS B 216 -9.55 -11.28 13.20
C LYS B 216 -8.98 -11.13 11.78
N PHE B 217 -8.78 -9.89 11.34
CA PHE B 217 -8.25 -9.54 10.00
C PHE B 217 -6.76 -9.20 10.13
N HIS B 218 -6.41 -8.28 11.04
CA HIS B 218 -5.01 -7.86 11.28
C HIS B 218 -4.86 -7.13 12.62
N THR B 219 -3.66 -7.16 13.16
CA THR B 219 -3.25 -6.45 14.41
C THR B 219 -2.07 -5.55 14.08
N PHE B 220 -2.20 -4.25 14.32
CA PHE B 220 -1.08 -3.28 14.30
C PHE B 220 -0.54 -3.13 15.73
N ASP B 221 0.78 -3.25 15.90
CA ASP B 221 1.50 -2.96 17.18
C ASP B 221 1.66 -1.43 17.35
N ILE B 222 1.07 -0.88 18.41
CA ILE B 222 1.14 0.57 18.75
C ILE B 222 1.81 0.77 20.11
N SER B 223 2.36 -0.30 20.70
CA SER B 223 2.93 -0.31 22.08
C SER B 223 3.97 0.80 22.24
N SER B 224 4.71 1.17 21.20
CA SER B 224 5.67 2.30 21.24
C SER B 224 5.36 3.33 20.13
N ASN B 225 4.13 3.35 19.63
CA ASN B 225 3.64 4.38 18.68
C ASN B 225 2.88 5.41 19.51
N THR B 226 3.38 6.66 19.54
CA THR B 226 2.87 7.74 20.42
C THR B 226 1.55 8.32 19.87
N TYR B 227 1.12 7.94 18.65
CA TYR B 227 0.03 8.66 17.95
C TYR B 227 -1.34 8.01 18.21
N PHE B 228 -1.41 6.87 18.92
CA PHE B 228 -2.66 6.08 19.09
C PHE B 228 -2.92 5.81 20.57
N HIS B 229 -2.73 6.82 21.41
CA HIS B 229 -2.99 6.74 22.87
C HIS B 229 -3.75 7.99 23.32
N ASP B 230 -4.58 8.56 22.45
CA ASP B 230 -5.48 9.70 22.74
C ASP B 230 -6.87 9.40 22.21
N ASN B 231 -7.83 10.27 22.52
CA ASN B 231 -9.20 10.24 21.97
C ASN B 231 -9.14 10.37 20.45
N PHE B 232 -9.86 9.48 19.76
CA PHE B 232 -10.12 9.53 18.31
C PHE B 232 -11.62 9.64 18.08
N TYR B 233 -12.01 10.44 17.09
CA TYR B 233 -13.40 10.58 16.60
C TYR B 233 -13.56 9.64 15.41
N ILE B 234 -14.81 9.42 14.97
CA ILE B 234 -15.20 8.43 13.92
C ILE B 234 -15.50 9.18 12.61
N LEU B 235 -15.18 8.54 11.47
CA LEU B 235 -15.60 8.99 10.12
C LEU B 235 -16.21 7.82 9.35
N PHE B 236 -17.19 8.12 8.51
CA PHE B 236 -17.68 7.29 7.38
C PHE B 236 -17.67 8.18 6.16
N ASN B 237 -17.26 7.65 5.02
CA ASN B 237 -17.45 8.38 3.74
C ASN B 237 -17.55 7.39 2.59
N LEU B 238 -18.14 7.85 1.49
CA LEU B 238 -18.07 7.21 0.16
C LEU B 238 -17.42 8.21 -0.79
N ALA B 239 -16.11 8.08 -0.98
CA ALA B 239 -15.33 8.84 -1.99
C ALA B 239 -15.58 8.22 -3.38
N VAL B 240 -15.32 9.00 -4.43
CA VAL B 240 -15.48 8.57 -5.85
C VAL B 240 -14.19 8.89 -6.58
N GLY B 241 -13.48 7.87 -7.07
CA GLY B 241 -12.14 8.03 -7.65
C GLY B 241 -11.16 8.50 -6.58
N GLY B 242 -10.00 9.02 -7.01
CA GLY B 242 -8.84 9.35 -6.16
C GLY B 242 -7.71 8.36 -6.34
N ALA B 243 -6.48 8.73 -5.94
CA ALA B 243 -5.23 7.93 -6.13
C ALA B 243 -5.48 6.47 -5.73
N PHE B 244 -6.10 6.20 -4.58
CA PHE B 244 -6.32 4.82 -4.04
C PHE B 244 -7.02 3.95 -5.10
N THR B 245 -8.06 4.47 -5.78
CA THR B 245 -8.83 3.73 -6.81
C THR B 245 -8.04 3.62 -8.12
N GLY B 246 -7.00 4.46 -8.29
CA GLY B 246 -6.25 4.59 -9.54
C GLY B 246 -7.05 5.27 -10.63
N ILE B 247 -8.22 5.84 -10.32
CA ILE B 247 -9.10 6.56 -11.30
C ILE B 247 -9.24 8.01 -10.84
N THR B 248 -8.63 8.95 -11.57
CA THR B 248 -8.65 10.40 -11.20
C THR B 248 -9.10 11.23 -12.41
N ASP B 249 -9.56 10.58 -13.49
CA ASP B 249 -10.19 11.23 -14.66
C ASP B 249 -11.59 10.62 -14.82
N ILE B 250 -12.60 11.48 -14.89
CA ILE B 250 -14.04 11.10 -14.95
C ILE B 250 -14.29 10.19 -16.15
N ASN B 251 -13.46 10.29 -17.19
CA ASN B 251 -13.55 9.43 -18.41
C ASN B 251 -13.26 7.97 -18.06
N LYS B 252 -12.49 7.71 -17.01
CA LYS B 252 -12.15 6.32 -16.57
C LYS B 252 -13.07 5.89 -15.42
N LEU B 253 -14.06 6.72 -15.03
CA LEU B 253 -15.00 6.41 -13.92
C LEU B 253 -16.18 5.58 -14.44
N THR B 254 -16.02 4.27 -14.51
CA THR B 254 -17.03 3.29 -15.00
C THR B 254 -17.98 2.94 -13.85
N GLY B 255 -17.52 3.10 -12.61
CA GLY B 255 -18.21 2.64 -11.38
C GLY B 255 -19.42 3.48 -11.01
N LEU B 256 -19.55 4.69 -11.55
CA LEU B 256 -20.70 5.61 -11.26
C LEU B 256 -21.00 6.42 -12.53
N LYS B 257 -22.13 6.12 -13.16
CA LYS B 257 -22.49 6.61 -14.51
C LYS B 257 -23.43 7.81 -14.40
N ASP B 258 -23.43 8.65 -15.43
CA ASP B 258 -24.38 9.77 -15.62
C ASP B 258 -25.80 9.32 -15.23
N GLY B 259 -26.43 10.02 -14.30
CA GLY B 259 -27.80 9.72 -13.82
C GLY B 259 -27.82 8.72 -12.69
N GLN B 260 -26.69 8.08 -12.37
CA GLN B 260 -26.65 6.98 -11.36
C GLN B 260 -26.52 7.58 -9.95
N LYS B 261 -27.28 7.03 -9.00
CA LYS B 261 -27.06 7.16 -7.54
C LYS B 261 -26.66 5.80 -7.00
N VAL B 262 -25.75 5.77 -6.03
CA VAL B 262 -25.24 4.55 -5.36
C VAL B 262 -25.14 4.84 -3.86
N ASN B 263 -25.62 3.93 -3.02
CA ASN B 263 -25.69 4.19 -1.56
C ASN B 263 -24.71 3.29 -0.80
N MET B 264 -24.19 3.84 0.27
CA MET B 264 -23.49 3.11 1.34
C MET B 264 -24.39 3.22 2.58
N TYR B 265 -24.74 2.08 3.18
CA TYR B 265 -25.67 2.01 4.33
C TYR B 265 -24.89 1.63 5.59
N ILE B 266 -25.04 2.41 6.66
CA ILE B 266 -24.59 2.03 8.02
C ILE B 266 -25.85 1.81 8.87
N ASP B 267 -26.12 0.57 9.28
CA ASP B 267 -27.28 0.21 10.13
C ASP B 267 -27.08 0.76 11.55
N TRP B 268 -25.87 0.63 12.09
CA TRP B 268 -25.54 1.08 13.47
C TRP B 268 -24.03 1.17 13.63
N VAL B 269 -23.61 1.92 14.66
CA VAL B 269 -22.20 2.00 15.15
C VAL B 269 -22.31 1.97 16.68
N LYS B 270 -21.47 1.19 17.35
CA LYS B 270 -21.45 1.15 18.84
C LYS B 270 -20.02 1.06 19.36
N ILE B 271 -19.83 1.59 20.57
CA ILE B 271 -18.57 1.55 21.37
C ILE B 271 -18.82 0.73 22.64
N LEU B 272 -18.14 -0.41 22.79
CA LEU B 272 -18.21 -1.27 24.00
C LEU B 272 -17.05 -0.89 24.90
#